data_6ESC
#
_entry.id   6ESC
#
_cell.length_a   99.890
_cell.length_b   99.890
_cell.length_c   272.800
_cell.angle_alpha   90.00
_cell.angle_beta   90.00
_cell.angle_gamma   120.00
#
_symmetry.space_group_name_H-M   'H 3'
#
loop_
_entity.id
_entity.type
_entity.pdbx_description
1 polymer 'Envelope glycoprotein B'
2 non-polymer 2-acetamido-2-deoxy-beta-D-glucopyranose
3 non-polymer GLYCEROL
4 water water
#
_entity_poly.entity_id   1
_entity_poly.type   'polypeptide(L)'
_entity_poly.pdbx_seq_one_letter_code
;AAAVTRAASASPTPVPGSPGLTPNDVSAEASLEEIEAFTPGPSEAPDGEYGDLDARTAVRAAATERDRFYVCPPPSGSTV
VRLEPEQACPEYSQGRNFTEGIAVLFKENIAPHKFKAHIYYKNVIVTTVWSGSTYAAITNRFTDRVPVPVQEITDVIDRR
GKCVSKAEYVRNNHKVTAFDRDENPVEVDLRPSRLNALGTRGWHTTNDTYTKIGAAGFYHTGTSVNCIVEEVEARSVYPY
DSFALSTGDIVYMSPFYGLREGAHGEHIGYAPGRFQQVEHYYPIDLDSRLRASESVTRNFLRTPHFTVAWDWAPKTRRVC
SLAKWREAEEMIRDETRDGSFRFTSRALGASFVSDVTQLDLQRVHLGDCVLREASEAIDAIYRRRYNNTHVLAGDRPEVY
LARGGFVVAFRPLISNELAQLYARELERLGLAGVVGPASPAAARRARRSPGPAGTPEPPAVNGTGHLRITTGSAEFARLQ
FTYDHIQAHVNDMLGRIATAWCELQNKDRTLWSEMSRLNPSAVATAALGQRVSARMLGDVMAISRCVEVRGGVYVQNSMR
VPGERGTCYSRPLVTFEHNGTGVIEGQLGDDNELLISRDLIEPCTGNHRRYFKLGSGYVYYEDYSYVRMVEVPETISTRV
TLNLTLLEDREFLPLEVYTREELADTGLLDYSEIQRRNQLHALKFYDIDRVVKVDHNVVSRFESDDDDKAGWSHPQFEKG
GGSGGGSGGGSWSHPQFEK
;
_entity_poly.pdbx_strand_id   A
#
# COMPACT_ATOMS: atom_id res chain seq x y z
N ARG A 56 23.67 -75.73 -33.25
CA ARG A 56 24.61 -74.77 -33.81
C ARG A 56 23.98 -73.81 -34.86
N THR A 57 22.63 -73.59 -34.74
CA THR A 57 21.83 -72.70 -35.61
C THR A 57 21.98 -71.20 -35.13
N ALA A 58 21.12 -70.28 -35.62
CA ALA A 58 21.14 -68.86 -35.29
C ALA A 58 19.75 -68.23 -35.19
N VAL A 59 19.56 -67.27 -34.27
CA VAL A 59 18.29 -66.53 -34.04
C VAL A 59 18.46 -65.06 -34.44
N ARG A 60 17.60 -64.52 -35.33
CA ARG A 60 17.71 -63.14 -35.78
C ARG A 60 17.24 -62.14 -34.71
N ALA A 61 18.17 -61.26 -34.31
CA ALA A 61 17.97 -60.21 -33.33
C ALA A 61 17.06 -59.12 -33.90
N ALA A 62 16.31 -58.44 -33.02
CA ALA A 62 15.39 -57.37 -33.41
C ALA A 62 15.69 -56.04 -32.69
N ALA A 63 16.07 -54.99 -33.48
CA ALA A 63 16.38 -53.63 -33.01
C ALA A 63 15.26 -52.62 -33.31
N THR A 64 14.95 -51.78 -32.30
CA THR A 64 13.95 -50.70 -32.41
C THR A 64 14.71 -49.38 -32.40
N GLU A 65 14.05 -48.26 -32.77
CA GLU A 65 14.68 -46.96 -32.63
C GLU A 65 14.64 -46.72 -31.11
N ARG A 66 15.82 -46.45 -30.49
CA ARG A 66 16.13 -46.29 -29.04
C ARG A 66 17.00 -47.47 -28.57
N ASP A 67 16.74 -48.66 -29.15
CA ASP A 67 17.48 -49.89 -28.90
C ASP A 67 18.11 -50.43 -30.18
N ARG A 68 19.01 -49.60 -30.74
CA ARG A 68 19.79 -49.82 -31.95
C ARG A 68 21.10 -50.52 -31.60
N PHE A 69 21.63 -51.29 -32.56
CA PHE A 69 22.93 -51.96 -32.44
C PHE A 69 24.01 -50.98 -32.86
N TYR A 70 25.18 -51.09 -32.21
CA TYR A 70 26.34 -50.23 -32.41
C TYR A 70 27.64 -50.97 -32.54
N VAL A 71 28.51 -50.48 -33.44
CA VAL A 71 29.89 -50.97 -33.60
C VAL A 71 30.77 -49.83 -33.13
N CYS A 72 31.82 -50.15 -32.37
CA CYS A 72 32.67 -49.11 -31.84
C CYS A 72 34.09 -49.18 -32.37
N PRO A 73 34.42 -48.39 -33.44
CA PRO A 73 35.79 -48.40 -34.00
C PRO A 73 36.84 -48.01 -32.95
N PRO A 74 38.04 -48.61 -32.95
CA PRO A 74 39.03 -48.26 -31.91
C PRO A 74 39.48 -46.81 -31.94
N PRO A 75 39.59 -46.16 -30.76
CA PRO A 75 40.04 -44.77 -30.75
C PRO A 75 41.55 -44.62 -30.81
N SER A 76 42.03 -43.83 -31.82
CA SER A 76 43.45 -43.43 -31.93
C SER A 76 43.53 -42.09 -31.19
N GLY A 77 44.72 -41.58 -30.98
CA GLY A 77 44.86 -40.30 -30.31
C GLY A 77 44.43 -39.10 -31.15
N SER A 78 43.61 -39.32 -32.19
CA SER A 78 43.13 -38.27 -33.11
C SER A 78 42.34 -37.15 -32.37
N THR A 79 41.42 -37.55 -31.47
CA THR A 79 40.65 -36.66 -30.62
C THR A 79 40.91 -37.07 -29.18
N VAL A 80 41.39 -36.14 -28.39
CA VAL A 80 41.67 -36.38 -26.98
C VAL A 80 40.89 -35.39 -26.13
N VAL A 81 40.33 -35.89 -25.04
CA VAL A 81 39.54 -35.06 -24.14
C VAL A 81 39.98 -35.25 -22.71
N ARG A 82 39.62 -34.25 -21.90
CA ARG A 82 39.79 -34.15 -20.47
C ARG A 82 38.39 -34.06 -19.87
N LEU A 83 38.26 -34.49 -18.61
CA LEU A 83 37.01 -34.29 -17.92
C LEU A 83 37.05 -32.86 -17.42
N GLU A 84 35.98 -32.08 -17.70
CA GLU A 84 35.83 -30.67 -17.36
C GLU A 84 36.04 -30.45 -15.89
N PRO A 85 36.95 -29.53 -15.51
CA PRO A 85 37.20 -29.31 -14.07
C PRO A 85 36.02 -28.66 -13.36
N GLU A 86 36.04 -28.72 -12.01
CA GLU A 86 35.07 -28.11 -11.13
C GLU A 86 34.87 -26.66 -11.55
N GLN A 87 33.59 -26.20 -11.57
CA GLN A 87 33.24 -24.83 -11.90
C GLN A 87 33.30 -23.91 -10.70
N ALA A 88 33.30 -22.62 -10.99
CA ALA A 88 33.21 -21.54 -10.02
C ALA A 88 31.72 -21.45 -9.69
N CYS A 89 31.41 -21.34 -8.40
CA CYS A 89 30.03 -21.32 -7.99
C CYS A 89 29.44 -19.94 -7.84
N PRO A 90 28.15 -19.76 -8.22
CA PRO A 90 27.54 -18.44 -8.07
C PRO A 90 27.40 -18.03 -6.60
N GLU A 91 27.90 -16.83 -6.29
CA GLU A 91 27.85 -16.18 -4.96
C GLU A 91 26.82 -15.06 -5.12
N TYR A 92 25.68 -15.20 -4.42
CA TYR A 92 24.58 -14.24 -4.45
C TYR A 92 24.63 -13.34 -3.19
N SER A 93 23.96 -12.15 -3.26
CA SER A 93 23.91 -11.15 -2.19
C SER A 93 23.61 -11.74 -0.80
N GLN A 94 24.67 -11.99 -0.03
CA GLN A 94 24.56 -12.51 1.33
C GLN A 94 24.81 -11.35 2.29
N GLY A 95 23.70 -10.80 2.77
CA GLY A 95 23.68 -9.64 3.65
C GLY A 95 23.13 -8.41 2.95
N ARG A 96 22.22 -7.71 3.65
CA ARG A 96 21.58 -6.48 3.17
C ARG A 96 21.90 -5.26 4.08
N ASN A 97 22.03 -4.07 3.47
CA ASN A 97 22.36 -2.84 4.18
C ASN A 97 21.08 -2.09 4.64
N PHE A 98 20.91 -1.91 5.97
CA PHE A 98 19.74 -1.23 6.52
C PHE A 98 19.97 -0.53 7.87
N THR A 99 18.97 0.28 8.30
CA THR A 99 18.95 1.02 9.57
C THR A 99 17.60 0.83 10.28
N GLU A 100 17.67 0.40 11.55
CA GLU A 100 16.49 0.26 12.40
C GLU A 100 16.23 1.67 12.92
N GLY A 101 15.00 1.95 13.32
CA GLY A 101 14.63 3.24 13.90
C GLY A 101 13.17 3.32 14.28
N ILE A 102 12.69 4.54 14.47
CA ILE A 102 11.28 4.83 14.74
C ILE A 102 10.84 5.91 13.76
N ALA A 103 9.64 5.77 13.21
CA ALA A 103 9.08 6.74 12.26
C ALA A 103 7.67 7.17 12.60
N VAL A 104 7.33 8.38 12.14
CA VAL A 104 5.99 8.97 12.24
C VAL A 104 5.68 9.47 10.84
N LEU A 105 4.62 8.92 10.24
CA LEU A 105 4.20 9.26 8.88
C LEU A 105 3.19 10.38 8.92
N PHE A 106 3.35 11.35 8.02
CA PHE A 106 2.48 12.52 7.90
C PHE A 106 1.86 12.58 6.50
N LYS A 107 0.57 12.93 6.45
CA LYS A 107 -0.24 13.05 5.23
C LYS A 107 -0.68 14.52 5.05
N GLU A 108 -1.10 14.89 3.84
CA GLU A 108 -1.61 16.24 3.58
C GLU A 108 -2.83 16.47 4.48
N ASN A 109 -2.91 17.64 5.16
CA ASN A 109 -4.05 17.99 6.00
C ASN A 109 -5.18 18.36 5.08
N ILE A 110 -6.29 17.65 5.21
CA ILE A 110 -7.48 17.83 4.37
C ILE A 110 -8.62 18.48 5.17
N ALA A 111 -8.52 18.40 6.52
CA ALA A 111 -9.46 18.90 7.51
C ALA A 111 -9.44 20.41 7.60
N PRO A 112 -10.62 21.05 7.81
CA PRO A 112 -10.62 22.49 8.00
C PRO A 112 -10.15 22.85 9.42
N HIS A 113 -9.82 24.13 9.62
CA HIS A 113 -9.43 24.65 10.90
C HIS A 113 -10.73 24.90 11.61
N LYS A 114 -10.93 24.24 12.76
CA LYS A 114 -12.17 24.42 13.52
C LYS A 114 -11.88 25.15 14.83
N PHE A 115 -12.75 26.11 15.18
CA PHE A 115 -12.64 26.92 16.38
C PHE A 115 -14.01 27.33 16.89
N LYS A 116 -14.07 27.62 18.22
CA LYS A 116 -15.29 28.11 18.88
C LYS A 116 -15.48 29.61 18.66
N ALA A 117 -16.74 30.04 18.63
CA ALA A 117 -17.12 31.43 18.38
C ALA A 117 -18.50 31.74 18.99
N HIS A 118 -18.91 33.03 19.02
CA HIS A 118 -20.24 33.42 19.53
C HIS A 118 -20.84 34.37 18.55
N ILE A 119 -22.13 34.21 18.30
CA ILE A 119 -22.89 35.07 17.41
C ILE A 119 -23.87 35.91 18.28
N TYR A 120 -23.89 37.22 18.06
CA TYR A 120 -24.73 38.15 18.82
C TYR A 120 -25.48 38.97 17.80
N TYR A 121 -26.81 38.92 17.88
CA TYR A 121 -27.72 39.59 16.95
C TYR A 121 -29.06 39.82 17.61
N LYS A 122 -29.86 40.69 17.04
CA LYS A 122 -31.21 40.89 17.52
C LYS A 122 -32.13 40.50 16.36
N ASN A 123 -33.04 39.56 16.64
CA ASN A 123 -33.96 39.05 15.65
C ASN A 123 -35.19 39.94 15.62
N VAL A 124 -35.22 40.85 14.63
CA VAL A 124 -36.30 41.82 14.36
C VAL A 124 -37.32 41.21 13.39
N ILE A 125 -38.56 41.04 13.87
CA ILE A 125 -39.71 40.57 13.06
C ILE A 125 -40.81 41.66 13.09
N VAL A 126 -41.23 42.15 11.92
CA VAL A 126 -42.28 43.19 11.79
C VAL A 126 -43.48 42.58 11.06
N THR A 127 -44.60 42.48 11.79
CA THR A 127 -45.83 41.87 11.28
C THR A 127 -46.97 42.88 11.03
N THR A 128 -47.55 42.83 9.81
CA THR A 128 -48.69 43.64 9.40
C THR A 128 -49.88 42.71 9.35
N VAL A 129 -50.87 42.98 10.21
CA VAL A 129 -52.10 42.23 10.35
C VAL A 129 -53.29 43.06 9.88
N TRP A 130 -54.18 42.47 9.09
CA TRP A 130 -55.38 43.16 8.72
C TRP A 130 -56.52 42.57 9.54
N SER A 131 -57.03 43.35 10.53
CA SER A 131 -58.15 42.93 11.38
C SER A 131 -59.47 43.09 10.62
N GLY A 132 -60.18 41.99 10.48
CA GLY A 132 -61.46 41.97 9.80
C GLY A 132 -62.61 41.85 10.76
N SER A 133 -63.76 41.48 10.20
CA SER A 133 -65.03 41.26 10.89
C SER A 133 -64.89 40.20 12.00
N THR A 134 -64.62 38.93 11.59
CA THR A 134 -64.48 37.74 12.45
C THR A 134 -63.12 37.03 12.24
N TYR A 135 -62.09 37.81 11.87
CA TYR A 135 -60.76 37.24 11.60
C TYR A 135 -59.67 38.30 11.54
N ALA A 136 -58.42 37.82 11.46
CA ALA A 136 -57.20 38.61 11.29
C ALA A 136 -56.40 37.86 10.25
N ALA A 137 -55.73 38.59 9.34
CA ALA A 137 -54.93 37.96 8.30
C ALA A 137 -53.58 38.61 8.28
N ILE A 138 -52.50 37.80 8.25
CA ILE A 138 -51.14 38.31 8.11
C ILE A 138 -50.97 38.71 6.65
N THR A 139 -50.70 39.99 6.43
CA THR A 139 -50.49 40.51 5.09
C THR A 139 -48.97 40.61 4.84
N ASN A 140 -48.19 40.70 5.94
CA ASN A 140 -46.72 40.76 5.91
C ASN A 140 -46.08 40.34 7.24
N ARG A 141 -44.89 39.75 7.15
CA ARG A 141 -44.08 39.28 8.27
C ARG A 141 -42.64 39.40 7.80
N PHE A 142 -42.05 40.57 8.03
CA PHE A 142 -40.68 40.84 7.60
C PHE A 142 -39.64 40.60 8.73
N THR A 143 -38.74 39.62 8.50
CA THR A 143 -37.69 39.15 9.42
C THR A 143 -36.30 39.70 9.01
N ASP A 144 -35.50 40.10 10.01
CA ASP A 144 -34.18 40.65 9.79
C ASP A 144 -33.34 40.54 11.03
N ARG A 145 -32.12 39.98 10.88
CA ARG A 145 -31.10 39.90 11.93
C ARG A 145 -30.26 41.16 11.83
N VAL A 146 -30.04 41.77 12.99
CA VAL A 146 -29.36 43.04 13.21
C VAL A 146 -28.19 42.82 14.21
N PRO A 147 -27.03 43.49 14.03
CA PRO A 147 -25.93 43.26 14.96
C PRO A 147 -26.13 43.88 16.33
N VAL A 148 -25.49 43.30 17.34
CA VAL A 148 -25.40 43.82 18.69
C VAL A 148 -24.01 44.54 18.78
N PRO A 149 -23.96 45.89 19.02
CA PRO A 149 -22.65 46.57 19.08
C PRO A 149 -21.73 46.02 20.16
N VAL A 150 -20.40 46.04 19.93
CA VAL A 150 -19.39 45.53 20.87
C VAL A 150 -19.60 46.10 22.30
N GLN A 151 -19.85 47.43 22.38
CA GLN A 151 -20.17 48.19 23.59
C GLN A 151 -21.22 47.41 24.38
N GLU A 152 -22.37 47.08 23.75
CA GLU A 152 -23.49 46.34 24.33
C GLU A 152 -23.13 44.92 24.78
N ILE A 153 -22.22 44.26 24.06
CA ILE A 153 -21.74 42.92 24.39
C ILE A 153 -21.01 42.99 25.70
N THR A 154 -19.92 43.79 25.77
CA THR A 154 -19.08 43.93 26.96
C THR A 154 -19.76 44.60 28.17
N ASP A 155 -20.49 45.71 27.94
CA ASP A 155 -21.10 46.53 28.99
C ASP A 155 -22.50 46.10 29.48
N VAL A 156 -23.28 45.35 28.68
CA VAL A 156 -24.63 44.93 29.08
C VAL A 156 -24.66 43.41 29.17
N ILE A 157 -24.38 42.71 28.03
CA ILE A 157 -24.39 41.23 27.93
C ILE A 157 -23.37 40.58 28.86
N ASP A 158 -22.07 40.91 28.81
CA ASP A 158 -21.11 40.27 29.73
C ASP A 158 -21.32 40.77 31.16
N ARG A 159 -21.42 42.09 31.33
CA ARG A 159 -21.57 42.74 32.64
C ARG A 159 -22.78 42.27 33.45
N ARG A 160 -23.98 42.29 32.85
CA ARG A 160 -25.21 41.96 33.58
C ARG A 160 -25.96 40.71 33.10
N GLY A 161 -25.75 40.29 31.85
CA GLY A 161 -26.46 39.14 31.31
C GLY A 161 -27.82 39.55 30.82
N LYS A 162 -27.87 40.82 30.42
CA LYS A 162 -29.05 41.50 29.94
C LYS A 162 -28.73 42.07 28.58
N CYS A 163 -29.77 42.39 27.83
CA CYS A 163 -29.69 42.96 26.51
C CYS A 163 -30.83 44.03 26.38
N VAL A 164 -30.54 45.19 25.76
CA VAL A 164 -31.50 46.29 25.54
C VAL A 164 -32.62 45.84 24.53
N SER A 165 -33.90 46.22 24.79
CA SER A 165 -35.04 45.79 23.99
C SER A 165 -35.19 46.52 22.64
N LYS A 166 -34.17 47.31 22.26
CA LYS A 166 -34.18 48.01 20.98
C LYS A 166 -32.89 47.71 20.18
N ALA A 167 -32.94 47.98 18.84
CA ALA A 167 -31.83 47.83 17.90
C ALA A 167 -31.61 49.17 17.19
N GLU A 168 -30.33 49.55 16.96
CA GLU A 168 -29.92 50.79 16.30
C GLU A 168 -28.84 50.38 15.32
N TYR A 169 -29.24 50.26 14.06
CA TYR A 169 -28.44 49.74 12.96
C TYR A 169 -28.60 50.56 11.65
N VAL A 170 -27.80 50.24 10.62
CA VAL A 170 -27.86 50.89 9.30
C VAL A 170 -28.38 49.92 8.25
N ARG A 171 -29.43 50.38 7.55
CA ARG A 171 -30.08 49.64 6.48
C ARG A 171 -30.34 50.65 5.35
N ASN A 172 -29.90 50.30 4.11
CA ASN A 172 -30.02 51.13 2.90
C ASN A 172 -29.26 52.44 3.01
N ASN A 173 -28.21 52.46 3.86
CA ASN A 173 -27.33 53.60 4.17
C ASN A 173 -27.96 54.57 5.16
N HIS A 174 -29.18 54.25 5.62
CA HIS A 174 -29.92 55.02 6.61
C HIS A 174 -29.87 54.39 7.99
N LYS A 175 -29.68 55.24 9.00
CA LYS A 175 -29.63 54.90 10.42
C LYS A 175 -31.11 54.59 10.82
N VAL A 176 -31.41 53.33 11.18
CA VAL A 176 -32.78 52.91 11.54
C VAL A 176 -32.85 52.24 12.95
N THR A 177 -34.05 52.26 13.57
CA THR A 177 -34.30 51.73 14.91
C THR A 177 -35.45 50.74 14.93
N ALA A 178 -35.38 49.76 15.84
CA ALA A 178 -36.44 48.78 16.05
C ALA A 178 -36.67 48.61 17.55
N PHE A 179 -37.93 48.73 17.98
CA PHE A 179 -38.31 48.60 19.37
C PHE A 179 -39.17 47.38 19.57
N ASP A 180 -38.80 46.54 20.55
CA ASP A 180 -39.63 45.39 20.91
C ASP A 180 -40.94 45.92 21.51
N ARG A 181 -42.08 45.32 21.09
CA ARG A 181 -43.47 45.64 21.50
C ARG A 181 -43.89 47.10 21.20
N ASP A 182 -43.13 47.79 20.28
CA ASP A 182 -43.28 49.20 19.92
C ASP A 182 -43.36 50.01 21.24
N GLU A 183 -42.40 49.75 22.15
CA GLU A 183 -42.28 50.30 23.52
C GLU A 183 -40.90 50.89 23.78
N ASN A 184 -40.73 51.47 24.99
CA ASN A 184 -39.49 52.11 25.44
C ASN A 184 -38.39 51.13 25.79
N PRO A 185 -37.11 51.49 25.50
CA PRO A 185 -35.98 50.60 25.81
C PRO A 185 -35.82 50.22 27.28
N VAL A 186 -35.74 48.91 27.50
CA VAL A 186 -35.55 48.23 28.79
C VAL A 186 -34.44 47.15 28.61
N GLU A 187 -33.52 47.04 29.61
CA GLU A 187 -32.51 45.98 29.61
C GLU A 187 -33.25 44.74 30.08
N VAL A 188 -33.32 43.75 29.20
CA VAL A 188 -34.01 42.50 29.43
C VAL A 188 -32.99 41.43 29.73
N ASP A 189 -33.30 40.50 30.64
CA ASP A 189 -32.42 39.39 30.97
C ASP A 189 -32.38 38.41 29.79
N LEU A 190 -31.19 37.78 29.56
CA LEU A 190 -30.98 36.74 28.53
C LEU A 190 -31.21 35.40 29.19
N ARG A 191 -32.25 34.69 28.78
CA ARG A 191 -32.57 33.38 29.37
C ARG A 191 -32.16 32.27 28.42
N PRO A 192 -31.67 31.12 28.96
CA PRO A 192 -31.29 30.01 28.06
C PRO A 192 -32.48 29.42 27.32
N SER A 193 -32.23 28.89 26.13
CA SER A 193 -33.26 28.21 25.38
C SER A 193 -33.47 26.80 26.00
N ARG A 194 -34.69 26.24 25.86
CA ARG A 194 -35.10 24.91 26.35
C ARG A 194 -34.25 23.80 25.71
N LEU A 195 -33.88 24.03 24.44
CA LEU A 195 -33.13 23.13 23.59
C LEU A 195 -31.63 23.14 23.83
N ASN A 196 -31.13 24.03 24.70
CA ASN A 196 -29.69 24.14 25.02
C ASN A 196 -28.98 22.79 25.32
N ALA A 197 -27.88 22.55 24.59
CA ALA A 197 -27.03 21.36 24.66
C ALA A 197 -25.56 21.77 24.52
N LEU A 198 -24.67 20.87 24.98
CA LEU A 198 -23.20 20.99 24.95
C LEU A 198 -22.76 21.46 23.53
N GLY A 199 -22.11 22.64 23.48
CA GLY A 199 -21.65 23.29 22.25
C GLY A 199 -22.67 24.07 21.41
N THR A 200 -23.97 24.00 21.77
CA THR A 200 -25.10 24.63 21.05
C THR A 200 -26.03 25.43 21.99
N ARG A 201 -25.45 26.12 22.98
CA ARG A 201 -26.24 26.92 23.89
C ARG A 201 -26.61 28.22 23.20
N GLY A 202 -27.75 28.74 23.58
CA GLY A 202 -28.28 29.99 23.06
C GLY A 202 -29.09 30.64 24.16
N TRP A 203 -29.11 31.98 24.16
CA TRP A 203 -29.82 32.79 25.13
C TRP A 203 -30.62 33.77 24.32
N HIS A 204 -31.85 34.07 24.80
CA HIS A 204 -32.71 35.02 24.11
C HIS A 204 -33.44 35.88 25.14
N THR A 205 -34.13 36.96 24.71
CA THR A 205 -34.81 37.90 25.62
C THR A 205 -36.32 37.79 25.62
N THR A 206 -36.92 37.17 24.59
CA THR A 206 -38.37 36.98 24.53
C THR A 206 -38.75 35.66 23.86
N ASN A 207 -39.93 35.11 24.25
CA ASN A 207 -40.50 33.88 23.67
C ASN A 207 -41.63 34.28 22.76
N ASP A 208 -41.97 35.58 22.80
CA ASP A 208 -43.09 36.18 22.10
C ASP A 208 -42.68 37.00 20.93
N THR A 209 -43.54 37.02 19.89
CA THR A 209 -43.38 37.82 18.66
C THR A 209 -44.52 38.84 18.66
N TYR A 210 -44.23 40.11 18.99
CA TYR A 210 -45.25 41.17 19.05
C TYR A 210 -46.03 41.40 17.76
N THR A 211 -47.36 41.35 17.87
CA THR A 211 -48.33 41.57 16.80
C THR A 211 -49.40 42.52 17.34
N LYS A 212 -49.93 43.39 16.46
CA LYS A 212 -50.95 44.35 16.83
C LYS A 212 -52.36 43.87 16.60
N ILE A 213 -53.17 43.96 17.68
CA ILE A 213 -54.60 43.61 17.84
C ILE A 213 -55.38 44.92 17.72
N GLY A 214 -56.01 45.14 16.56
CA GLY A 214 -56.74 46.38 16.36
C GLY A 214 -58.16 46.31 15.84
N ALA A 215 -58.67 47.50 15.51
CA ALA A 215 -60.01 47.79 15.00
C ALA A 215 -60.19 47.28 13.58
N ALA A 216 -61.33 46.62 13.29
CA ALA A 216 -61.67 46.09 11.95
C ALA A 216 -61.65 47.17 10.86
N GLY A 217 -61.34 46.77 9.62
CA GLY A 217 -61.21 47.64 8.47
C GLY A 217 -59.89 48.38 8.43
N PHE A 218 -58.92 47.97 9.29
CA PHE A 218 -57.60 48.60 9.41
C PHE A 218 -56.42 47.64 9.35
N TYR A 219 -55.27 48.17 8.87
CA TYR A 219 -53.97 47.50 8.82
C TYR A 219 -53.13 47.96 10.01
N HIS A 220 -52.80 47.00 10.92
CA HIS A 220 -51.98 47.22 12.12
C HIS A 220 -50.59 46.61 11.97
N THR A 221 -49.56 47.31 12.46
CA THR A 221 -48.18 46.85 12.42
C THR A 221 -47.57 46.74 13.83
N GLY A 222 -47.10 45.54 14.17
CA GLY A 222 -46.40 45.25 15.42
C GLY A 222 -44.93 44.95 15.19
N THR A 223 -44.06 45.24 16.19
CA THR A 223 -42.61 45.02 16.10
C THR A 223 -42.06 44.19 17.25
N SER A 224 -41.52 43.01 16.91
CA SER A 224 -40.85 42.12 17.83
C SER A 224 -39.35 42.32 17.66
N VAL A 225 -38.63 42.40 18.78
CA VAL A 225 -37.16 42.46 18.84
C VAL A 225 -36.73 41.47 19.92
N ASN A 226 -36.08 40.35 19.47
CA ASN A 226 -35.57 39.25 20.29
C ASN A 226 -34.07 39.33 20.25
N CYS A 227 -33.40 39.58 21.37
CA CYS A 227 -31.94 39.66 21.36
C CYS A 227 -31.38 38.25 21.54
N ILE A 228 -30.56 37.77 20.58
CA ILE A 228 -30.05 36.40 20.58
C ILE A 228 -28.50 36.29 20.60
N VAL A 229 -28.02 35.45 21.52
CA VAL A 229 -26.62 35.10 21.70
C VAL A 229 -26.57 33.59 21.54
N GLU A 230 -25.68 33.11 20.69
CA GLU A 230 -25.60 31.69 20.35
C GLU A 230 -24.14 31.22 20.31
N GLU A 231 -23.88 30.06 20.95
CA GLU A 231 -22.58 29.36 20.91
C GLU A 231 -22.49 28.84 19.47
N VAL A 232 -21.43 29.20 18.78
CA VAL A 232 -21.33 28.82 17.38
C VAL A 232 -19.98 28.14 17.07
N GLU A 233 -19.97 27.23 16.11
CA GLU A 233 -18.78 26.50 15.68
C GLU A 233 -18.38 27.11 14.39
N ALA A 234 -17.08 27.43 14.25
CA ALA A 234 -16.53 28.01 13.04
C ALA A 234 -15.54 27.05 12.41
N ARG A 235 -15.43 27.17 11.07
CA ARG A 235 -14.62 26.36 10.18
C ARG A 235 -13.98 27.25 9.19
N SER A 236 -12.70 26.99 8.91
CA SER A 236 -11.96 27.72 7.91
C SER A 236 -11.26 26.74 7.00
N VAL A 237 -11.41 26.96 5.71
CA VAL A 237 -10.77 26.09 4.72
C VAL A 237 -9.67 26.91 4.07
N TYR A 238 -8.51 26.27 3.87
CA TYR A 238 -7.29 26.78 3.24
C TYR A 238 -7.66 27.62 2.01
N PRO A 239 -7.05 28.83 1.82
CA PRO A 239 -5.89 29.41 2.54
C PRO A 239 -6.23 30.15 3.84
N TYR A 240 -7.45 29.97 4.34
CA TYR A 240 -8.00 30.57 5.56
C TYR A 240 -8.12 32.11 5.47
N ASP A 241 -8.78 32.63 4.41
CA ASP A 241 -9.00 34.06 4.18
C ASP A 241 -10.46 34.40 4.49
N SER A 242 -11.21 33.38 4.98
CA SER A 242 -12.63 33.42 5.37
C SER A 242 -12.98 32.24 6.32
N PHE A 243 -14.10 32.37 7.06
CA PHE A 243 -14.62 31.30 7.91
C PHE A 243 -16.12 31.22 7.86
N ALA A 244 -16.69 30.08 8.20
CA ALA A 244 -18.13 29.94 8.21
C ALA A 244 -18.57 29.39 9.53
N LEU A 245 -19.73 29.88 10.01
CA LEU A 245 -20.35 29.52 11.28
C LEU A 245 -21.46 28.49 11.05
N SER A 246 -21.78 27.74 12.12
CA SER A 246 -22.83 26.71 12.23
C SER A 246 -24.21 27.22 11.78
N THR A 247 -24.37 28.54 11.72
CA THR A 247 -25.60 29.21 11.33
C THR A 247 -25.77 29.36 9.80
N GLY A 248 -24.70 29.08 9.04
CA GLY A 248 -24.68 29.19 7.60
C GLY A 248 -23.98 30.44 7.12
N ASP A 249 -23.59 31.31 8.06
CA ASP A 249 -22.95 32.60 7.76
C ASP A 249 -21.50 32.47 7.49
N ILE A 250 -21.05 33.12 6.42
CA ILE A 250 -19.65 33.14 5.98
C ILE A 250 -19.14 34.48 6.36
N VAL A 251 -18.00 34.52 7.07
CA VAL A 251 -17.30 35.73 7.51
C VAL A 251 -16.08 35.91 6.58
N TYR A 252 -16.09 36.98 5.75
CA TYR A 252 -15.05 37.25 4.74
C TYR A 252 -13.82 37.89 5.33
N MET A 253 -13.21 37.17 6.23
CA MET A 253 -12.04 37.64 6.92
C MET A 253 -11.26 36.45 7.40
N SER A 254 -9.99 36.65 7.67
CA SER A 254 -9.16 35.58 8.22
C SER A 254 -9.48 35.35 9.73
N PRO A 255 -9.66 34.11 10.19
CA PRO A 255 -9.81 33.90 11.66
C PRO A 255 -8.58 34.34 12.46
N PHE A 256 -7.43 34.50 11.80
CA PHE A 256 -6.14 34.83 12.43
C PHE A 256 -5.73 36.29 12.21
N TYR A 257 -6.65 37.11 11.73
CA TYR A 257 -6.45 38.53 11.54
C TYR A 257 -6.50 39.19 12.91
N GLY A 258 -5.50 40.01 13.15
CA GLY A 258 -5.30 40.79 14.36
C GLY A 258 -4.70 42.14 14.02
N LEU A 259 -4.38 42.93 15.05
CA LEU A 259 -3.80 44.25 14.84
C LEU A 259 -2.35 44.28 15.31
N ARG A 260 -1.95 43.34 16.21
CA ARG A 260 -0.56 43.21 16.65
C ARG A 260 0.20 42.51 15.52
N GLU A 261 1.42 43.02 15.20
CA GLU A 261 2.34 42.61 14.12
C GLU A 261 2.32 41.09 13.74
N GLY A 262 2.34 40.87 12.41
CA GLY A 262 2.27 39.56 11.76
C GLY A 262 0.86 39.26 11.30
N ALA A 263 -0.07 39.31 12.29
CA ALA A 263 -1.50 39.09 12.16
C ALA A 263 -2.23 40.07 11.22
N HIS A 264 -1.78 41.34 11.15
CA HIS A 264 -2.38 42.41 10.31
C HIS A 264 -2.21 42.19 8.74
N GLY A 265 -1.29 41.31 8.32
CA GLY A 265 -1.07 40.98 6.92
C GLY A 265 -1.85 39.75 6.47
N GLU A 266 -3.06 39.59 7.03
CA GLU A 266 -4.03 38.52 6.83
C GLU A 266 -5.29 39.20 6.27
N HIS A 267 -6.05 38.52 5.39
CA HIS A 267 -7.22 39.13 4.74
C HIS A 267 -8.32 39.63 5.69
N ILE A 268 -8.94 40.76 5.33
CA ILE A 268 -10.10 41.36 5.97
C ILE A 268 -10.94 41.99 4.85
N GLY A 269 -12.13 41.44 4.60
CA GLY A 269 -13.02 41.89 3.53
C GLY A 269 -13.98 42.95 3.98
N TYR A 270 -13.74 43.45 5.18
CA TYR A 270 -14.58 44.42 5.87
C TYR A 270 -13.78 45.69 6.21
N ALA A 271 -14.47 46.87 6.11
CA ALA A 271 -13.99 48.21 6.48
C ALA A 271 -13.40 48.15 7.91
N PRO A 272 -12.28 48.87 8.19
CA PRO A 272 -11.61 48.76 9.51
C PRO A 272 -12.45 49.04 10.76
N GLY A 273 -13.49 49.86 10.61
CA GLY A 273 -14.42 50.22 11.68
C GLY A 273 -15.31 49.09 12.14
N ARG A 274 -15.60 48.13 11.23
CA ARG A 274 -16.43 46.96 11.47
C ARG A 274 -15.72 45.93 12.36
N PHE A 275 -14.37 46.05 12.51
CA PHE A 275 -13.53 45.14 13.33
C PHE A 275 -12.94 45.85 14.54
N GLN A 276 -12.59 45.08 15.60
CA GLN A 276 -12.05 45.49 16.89
C GLN A 276 -11.52 44.27 17.68
N GLN A 277 -10.37 44.41 18.37
CA GLN A 277 -9.81 43.38 19.26
C GLN A 277 -9.90 43.95 20.67
N VAL A 278 -10.11 43.07 21.67
CA VAL A 278 -10.19 43.45 23.07
C VAL A 278 -9.24 42.55 23.82
N GLU A 279 -8.10 43.12 24.22
CA GLU A 279 -7.01 42.43 24.91
C GLU A 279 -7.37 42.20 26.38
N HIS A 280 -6.77 41.17 26.99
CA HIS A 280 -7.02 40.83 28.41
C HIS A 280 -8.48 40.61 28.77
N TYR A 281 -9.30 40.22 27.76
CA TYR A 281 -10.71 39.88 27.85
C TYR A 281 -10.86 38.57 28.62
N TYR A 282 -11.62 38.59 29.72
CA TYR A 282 -11.86 37.37 30.51
C TYR A 282 -13.29 36.95 30.16
N PRO A 283 -13.49 35.83 29.45
CA PRO A 283 -14.87 35.47 29.08
C PRO A 283 -15.74 35.13 30.28
N ILE A 284 -17.08 35.22 30.09
CA ILE A 284 -18.05 34.89 31.12
C ILE A 284 -19.06 33.83 30.66
N ASP A 285 -19.39 32.88 31.52
CA ASP A 285 -20.46 31.94 31.19
C ASP A 285 -21.81 32.68 31.33
N LEU A 286 -22.67 32.61 30.33
CA LEU A 286 -23.94 33.32 30.43
C LEU A 286 -24.98 32.51 31.20
N ASP A 287 -24.56 31.41 31.86
CA ASP A 287 -25.46 30.61 32.69
C ASP A 287 -25.04 30.78 34.14
N SER A 288 -23.83 30.33 34.50
CA SER A 288 -23.20 30.58 35.81
C SER A 288 -22.55 31.88 35.45
N ARG A 289 -22.87 32.95 36.10
CA ARG A 289 -22.28 34.18 35.58
C ARG A 289 -20.88 34.42 36.12
N LEU A 290 -20.02 33.40 35.94
CA LEU A 290 -18.62 33.33 36.36
C LEU A 290 -17.67 33.63 35.20
N ARG A 291 -16.57 34.33 35.50
CA ARG A 291 -15.53 34.62 34.51
C ARG A 291 -14.47 33.49 34.52
N ALA A 292 -13.79 33.33 33.37
CA ALA A 292 -12.70 32.36 33.20
C ALA A 292 -11.45 32.90 33.89
N SER A 293 -10.59 32.01 34.37
CA SER A 293 -9.34 32.33 35.08
C SER A 293 -8.29 32.96 34.16
N GLU A 294 -8.22 32.50 32.89
CA GLU A 294 -7.26 33.03 31.93
C GLU A 294 -7.95 33.98 30.92
N SER A 295 -7.31 35.10 30.63
CA SER A 295 -7.80 36.07 29.66
C SER A 295 -7.39 35.68 28.23
N VAL A 296 -7.96 36.38 27.24
CA VAL A 296 -7.71 36.19 25.81
C VAL A 296 -7.75 37.53 25.05
N THR A 297 -7.24 37.52 23.82
CA THR A 297 -7.40 38.64 22.91
C THR A 297 -8.67 38.26 22.16
N ARG A 298 -9.70 39.06 22.33
CA ARG A 298 -11.00 38.76 21.76
C ARG A 298 -11.29 39.54 20.47
N ASN A 299 -11.55 38.82 19.37
CA ASN A 299 -11.84 39.43 18.08
C ASN A 299 -13.32 39.68 17.99
N PHE A 300 -13.69 40.81 17.42
CA PHE A 300 -15.05 41.21 17.20
C PHE A 300 -15.20 41.72 15.80
N LEU A 301 -16.19 41.19 15.09
CA LEU A 301 -16.53 41.66 13.77
C LEU A 301 -18.02 41.88 13.67
N ARG A 302 -18.38 43.12 13.35
CA ARG A 302 -19.77 43.54 13.19
C ARG A 302 -20.11 43.56 11.72
N THR A 303 -20.97 42.61 11.30
CA THR A 303 -21.44 42.57 9.92
C THR A 303 -22.84 43.18 9.93
N PRO A 304 -23.47 43.49 8.76
CA PRO A 304 -24.82 44.06 8.82
C PRO A 304 -25.86 43.19 9.52
N HIS A 305 -25.63 41.86 9.65
CA HIS A 305 -26.66 41.03 10.27
C HIS A 305 -26.33 40.45 11.62
N PHE A 306 -25.06 40.53 12.07
CA PHE A 306 -24.68 39.99 13.37
C PHE A 306 -23.29 40.49 13.76
N THR A 307 -22.98 40.35 15.06
CA THR A 307 -21.64 40.54 15.59
C THR A 307 -21.17 39.13 15.93
N VAL A 308 -19.97 38.76 15.46
CA VAL A 308 -19.34 37.47 15.75
C VAL A 308 -18.06 37.78 16.55
N ALA A 309 -17.81 36.96 17.57
CA ALA A 309 -16.64 37.09 18.39
C ALA A 309 -15.93 35.74 18.43
N TRP A 310 -14.59 35.78 18.50
CA TRP A 310 -13.75 34.60 18.59
C TRP A 310 -12.40 34.91 19.26
N ASP A 311 -11.72 33.90 19.80
CA ASP A 311 -10.40 34.12 20.42
C ASP A 311 -9.36 34.12 19.34
N TRP A 312 -8.58 35.19 19.31
CA TRP A 312 -7.51 35.35 18.38
C TRP A 312 -6.36 34.48 18.80
N ALA A 313 -5.79 33.82 17.82
CA ALA A 313 -4.65 32.93 17.97
C ALA A 313 -3.77 33.08 16.71
N PRO A 314 -2.44 32.92 16.86
CA PRO A 314 -1.56 33.02 15.68
C PRO A 314 -1.62 31.75 14.79
N LYS A 315 -1.81 31.97 13.47
CA LYS A 315 -1.94 30.97 12.41
C LYS A 315 -0.99 29.76 12.57
N THR A 316 0.33 30.02 12.69
CA THR A 316 1.39 29.02 12.80
C THR A 316 1.24 28.05 13.99
N ARG A 317 0.57 28.49 15.05
CA ARG A 317 0.36 27.65 16.23
C ARG A 317 -0.86 26.72 16.04
N ARG A 318 -1.98 27.29 15.61
CA ARG A 318 -3.29 26.65 15.38
C ARG A 318 -3.41 25.71 14.11
N VAL A 319 -2.76 26.05 13.00
CA VAL A 319 -2.88 25.34 11.73
C VAL A 319 -1.59 24.74 11.17
N CYS A 320 -1.70 23.57 10.52
CA CYS A 320 -0.62 22.86 9.84
C CYS A 320 -1.10 22.32 8.46
N SER A 321 -0.22 22.31 7.45
CA SER A 321 -0.56 21.80 6.12
C SER A 321 -0.47 20.26 6.06
N LEU A 322 0.11 19.65 7.09
CA LEU A 322 0.28 18.21 7.19
C LEU A 322 -0.41 17.69 8.43
N ALA A 323 -0.68 16.38 8.48
CA ALA A 323 -1.35 15.76 9.63
C ALA A 323 -0.74 14.42 9.92
N LYS A 324 -0.54 14.13 11.21
CA LYS A 324 -0.04 12.84 11.67
C LYS A 324 -0.96 11.76 11.15
N TRP A 325 -0.38 10.76 10.51
CA TRP A 325 -1.12 9.65 9.97
C TRP A 325 -0.92 8.40 10.82
N ARG A 326 0.33 7.88 10.87
CA ARG A 326 0.63 6.64 11.60
C ARG A 326 2.02 6.63 12.21
N GLU A 327 2.18 5.82 13.27
CA GLU A 327 3.46 5.59 13.92
C GLU A 327 3.99 4.24 13.48
N ALA A 328 5.27 4.18 13.06
CA ALA A 328 5.95 2.93 12.68
C ALA A 328 7.05 2.64 13.71
N GLU A 329 6.65 1.97 14.81
CA GLU A 329 7.49 1.65 15.97
C GLU A 329 8.76 0.90 15.62
N GLU A 330 8.68 -0.05 14.66
CA GLU A 330 9.81 -0.88 14.20
C GLU A 330 10.20 -0.55 12.74
N MET A 331 10.22 0.74 12.36
CA MET A 331 10.56 1.16 10.99
C MET A 331 11.97 0.76 10.58
N ILE A 332 12.08 0.05 9.45
CA ILE A 332 13.35 -0.37 8.86
C ILE A 332 13.56 0.48 7.64
N ARG A 333 14.73 1.14 7.58
CA ARG A 333 15.11 1.95 6.42
C ARG A 333 16.15 1.15 5.65
N ASP A 334 15.76 0.65 4.48
CA ASP A 334 16.57 -0.17 3.58
C ASP A 334 17.49 0.73 2.76
N GLU A 335 18.70 0.25 2.52
CA GLU A 335 19.71 1.02 1.81
C GLU A 335 20.39 0.22 0.66
N THR A 336 19.75 -0.90 0.22
CA THR A 336 20.26 -1.77 -0.85
C THR A 336 20.17 -1.08 -2.24
N ARG A 337 19.03 -0.45 -2.57
CA ARG A 337 18.90 0.31 -3.82
C ARG A 337 19.59 1.67 -3.62
N ASP A 338 20.31 2.13 -4.64
CA ASP A 338 21.10 3.36 -4.59
C ASP A 338 20.36 4.61 -5.00
N GLY A 339 20.64 5.68 -4.24
CA GLY A 339 20.07 7.01 -4.44
C GLY A 339 18.66 7.13 -3.90
N SER A 340 18.25 6.15 -3.09
CA SER A 340 16.93 6.07 -2.50
C SER A 340 16.94 5.33 -1.17
N PHE A 341 15.96 5.67 -0.34
CA PHE A 341 15.67 5.03 0.93
C PHE A 341 14.30 4.38 0.72
N ARG A 342 14.02 3.34 1.48
CA ARG A 342 12.78 2.58 1.40
C ARG A 342 12.41 2.31 2.82
N PHE A 343 11.31 2.91 3.27
CA PHE A 343 10.87 2.83 4.65
C PHE A 343 9.82 1.75 4.78
N THR A 344 10.25 0.59 5.26
CA THR A 344 9.40 -0.59 5.37
C THR A 344 8.86 -0.77 6.76
N SER A 345 7.55 -0.96 6.85
CA SER A 345 6.90 -1.15 8.13
C SER A 345 6.11 -2.46 8.11
N ARG A 346 6.52 -3.40 8.98
CA ARG A 346 5.91 -4.73 9.17
C ARG A 346 4.51 -4.47 9.69
N ALA A 347 4.42 -3.66 10.78
CA ALA A 347 3.20 -3.23 11.46
C ALA A 347 2.18 -2.78 10.42
N LEU A 348 2.50 -1.76 9.61
CA LEU A 348 1.66 -1.19 8.56
C LEU A 348 1.46 -2.06 7.31
N GLY A 349 2.46 -2.85 6.94
CA GLY A 349 2.43 -3.61 5.69
C GLY A 349 2.58 -2.63 4.54
N ALA A 350 3.58 -1.73 4.66
CA ALA A 350 3.82 -0.67 3.69
C ALA A 350 5.28 -0.31 3.57
N SER A 351 5.73 -0.01 2.33
CA SER A 351 7.10 0.42 1.97
C SER A 351 6.98 1.80 1.34
N PHE A 352 7.76 2.78 1.81
CA PHE A 352 7.74 4.13 1.27
C PHE A 352 9.08 4.54 0.73
N VAL A 353 9.11 4.84 -0.55
CA VAL A 353 10.31 5.20 -1.29
C VAL A 353 10.52 6.71 -1.31
N SER A 354 11.69 7.16 -0.86
CA SER A 354 12.09 8.57 -0.85
C SER A 354 13.52 8.70 -1.32
N ASP A 355 13.97 9.94 -1.48
CA ASP A 355 15.34 10.28 -1.82
C ASP A 355 16.23 10.15 -0.57
N VAL A 356 17.54 10.11 -0.79
CA VAL A 356 18.55 9.99 0.25
C VAL A 356 18.69 11.34 0.99
N THR A 357 18.34 12.41 0.26
CA THR A 357 18.39 13.79 0.70
C THR A 357 17.11 14.20 1.46
N GLN A 358 17.29 14.79 2.64
CA GLN A 358 16.20 15.22 3.51
C GLN A 358 15.29 16.32 2.92
N LEU A 359 14.08 16.39 3.47
CA LEU A 359 13.11 17.40 3.14
C LEU A 359 13.39 18.59 4.07
N ASP A 360 13.59 19.79 3.49
CA ASP A 360 13.73 20.98 4.29
C ASP A 360 12.29 21.46 4.51
N LEU A 361 11.83 21.41 5.78
CA LEU A 361 10.46 21.78 6.13
C LEU A 361 10.15 23.28 5.99
N GLN A 362 11.17 24.09 5.67
CA GLN A 362 11.03 25.52 5.41
C GLN A 362 10.45 25.75 4.03
N ARG A 363 10.46 24.70 3.18
CA ARG A 363 9.88 24.71 1.84
C ARG A 363 8.37 24.53 1.93
N VAL A 364 7.88 23.94 3.04
CA VAL A 364 6.47 23.66 3.32
C VAL A 364 5.74 24.84 4.02
N HIS A 365 4.59 25.27 3.44
CA HIS A 365 3.74 26.32 4.03
C HIS A 365 2.98 25.69 5.20
N LEU A 366 3.31 26.10 6.43
CA LEU A 366 2.75 25.61 7.69
C LEU A 366 3.13 24.16 7.95
N GLY A 367 4.43 23.91 8.10
CA GLY A 367 4.96 22.58 8.40
C GLY A 367 5.51 22.44 9.80
N ASP A 368 5.16 23.37 10.70
CA ASP A 368 5.66 23.38 12.07
C ASP A 368 5.25 22.19 12.90
N CYS A 369 4.04 21.64 12.70
CA CYS A 369 3.52 20.48 13.46
C CYS A 369 4.38 19.21 13.33
N VAL A 370 4.98 18.97 12.12
CA VAL A 370 5.81 17.81 11.77
C VAL A 370 6.84 17.49 12.84
N LEU A 371 7.91 18.31 12.96
CA LEU A 371 9.00 18.10 13.93
C LEU A 371 8.55 17.99 15.38
N ARG A 372 7.59 18.84 15.78
CA ARG A 372 6.99 18.87 17.12
C ARG A 372 6.33 17.52 17.44
N GLU A 373 5.29 17.13 16.67
CA GLU A 373 4.52 15.90 16.85
C GLU A 373 5.33 14.63 16.60
N ALA A 374 6.37 14.73 15.75
CA ALA A 374 7.23 13.59 15.43
C ALA A 374 8.15 13.29 16.60
N SER A 375 8.83 14.33 17.17
CA SER A 375 9.69 14.18 18.34
C SER A 375 8.91 13.63 19.50
N GLU A 376 7.67 14.14 19.76
CA GLU A 376 6.80 13.68 20.84
C GLU A 376 6.55 12.17 20.79
N ALA A 377 5.88 11.68 19.72
CA ALA A 377 5.57 10.27 19.52
C ALA A 377 6.83 9.36 19.52
N ILE A 378 7.92 9.77 18.81
CA ILE A 378 9.20 9.01 18.76
C ILE A 378 9.78 8.87 20.16
N ASP A 379 9.82 9.97 20.94
CA ASP A 379 10.33 9.98 22.32
C ASP A 379 9.46 9.14 23.22
N ALA A 380 8.13 9.20 23.03
CA ALA A 380 7.17 8.39 23.79
C ALA A 380 7.36 6.92 23.51
N ILE A 381 7.54 6.54 22.21
CA ILE A 381 7.75 5.16 21.75
C ILE A 381 9.03 4.60 22.36
N TYR A 382 10.18 5.32 22.19
CA TYR A 382 11.52 4.95 22.69
C TYR A 382 11.47 4.54 24.16
N ARG A 383 10.86 5.40 25.01
CA ARG A 383 10.66 5.23 26.44
C ARG A 383 9.96 3.93 26.72
N ARG A 384 8.97 3.60 25.87
CA ARG A 384 8.10 2.43 26.01
C ARG A 384 8.73 1.12 25.51
N ARG A 385 9.49 1.17 24.40
CA ARG A 385 10.02 -0.02 23.71
C ARG A 385 11.55 -0.24 23.69
N TYR A 386 12.38 0.85 23.64
CA TYR A 386 13.84 0.71 23.48
C TYR A 386 14.74 1.30 24.59
N ASN A 387 14.16 1.99 25.61
CA ASN A 387 14.86 2.68 26.72
C ASN A 387 16.11 1.94 27.29
N ASN A 388 16.03 0.61 27.45
CA ASN A 388 17.10 -0.21 28.04
C ASN A 388 17.97 -0.97 27.05
N THR A 389 17.48 -1.17 25.82
CA THR A 389 18.20 -1.92 24.79
C THR A 389 18.98 -1.01 23.84
N HIS A 390 18.44 0.20 23.52
CA HIS A 390 19.03 1.13 22.54
C HIS A 390 19.08 2.57 23.03
N VAL A 391 19.54 3.45 22.13
CA VAL A 391 19.66 4.90 22.26
C VAL A 391 19.28 5.55 20.90
N LEU A 392 18.60 6.70 20.91
CA LEU A 392 18.24 7.39 19.67
C LEU A 392 19.46 8.04 19.02
N ALA A 393 19.38 8.41 17.73
CA ALA A 393 20.52 9.02 17.03
C ALA A 393 20.32 10.42 16.49
N GLY A 394 21.33 11.26 16.72
CA GLY A 394 21.46 12.61 16.17
C GLY A 394 20.70 13.76 16.78
N ASP A 395 20.32 13.69 18.09
CA ASP A 395 19.63 14.77 18.84
C ASP A 395 18.33 15.36 18.19
N ARG A 396 17.83 14.77 17.07
CA ARG A 396 16.65 15.20 16.29
C ARG A 396 16.23 14.14 15.24
N PRO A 397 14.91 14.06 14.88
CA PRO A 397 14.49 13.13 13.82
C PRO A 397 14.77 13.69 12.42
N GLU A 398 15.06 12.78 11.48
CA GLU A 398 15.33 13.10 10.08
C GLU A 398 13.99 13.13 9.35
N VAL A 399 13.85 13.98 8.32
CA VAL A 399 12.58 14.17 7.61
C VAL A 399 12.77 13.99 6.11
N TYR A 400 11.93 13.13 5.48
CA TYR A 400 11.99 12.81 4.05
C TYR A 400 10.64 12.93 3.36
N LEU A 401 10.67 13.19 2.06
CA LEU A 401 9.49 13.29 1.25
C LEU A 401 9.37 11.99 0.46
N ALA A 402 8.48 11.12 0.92
CA ALA A 402 8.23 9.84 0.29
C ALA A 402 7.22 9.96 -0.87
N ARG A 403 7.25 8.94 -1.75
CA ARG A 403 6.41 8.75 -2.91
C ARG A 403 4.93 8.74 -2.50
N GLY A 404 4.09 9.45 -3.25
CA GLY A 404 2.65 9.56 -3.03
C GLY A 404 2.20 10.58 -2.00
N GLY A 405 3.07 11.57 -1.73
CA GLY A 405 2.80 12.64 -0.77
C GLY A 405 2.86 12.29 0.71
N PHE A 406 3.73 11.39 1.10
CA PHE A 406 3.88 11.06 2.51
C PHE A 406 5.18 11.62 3.00
N VAL A 407 5.14 12.29 4.17
CA VAL A 407 6.29 12.87 4.85
C VAL A 407 6.71 11.87 5.91
N VAL A 408 7.96 11.41 5.84
CA VAL A 408 8.47 10.43 6.79
C VAL A 408 9.47 11.08 7.73
N ALA A 409 9.17 11.06 9.03
CA ALA A 409 10.04 11.57 10.08
C ALA A 409 10.57 10.32 10.72
N PHE A 410 11.82 10.03 10.44
CA PHE A 410 12.56 8.84 10.90
C PHE A 410 13.71 9.20 11.83
N ARG A 411 13.89 8.44 12.91
CA ARG A 411 15.02 8.63 13.83
C ARG A 411 15.71 7.25 14.02
N PRO A 412 16.99 7.08 13.60
CA PRO A 412 17.62 5.76 13.76
C PRO A 412 17.79 5.33 15.20
N LEU A 413 17.70 4.01 15.45
CA LEU A 413 17.91 3.41 16.75
C LEU A 413 19.32 2.82 16.78
N ILE A 414 20.13 3.27 17.75
CA ILE A 414 21.50 2.78 17.94
C ILE A 414 21.52 1.87 19.17
N SER A 415 21.87 0.58 18.97
CA SER A 415 21.97 -0.39 20.06
C SER A 415 23.07 0.05 21.03
N ASN A 416 22.90 -0.26 22.34
CA ASN A 416 23.87 0.09 23.39
C ASN A 416 25.31 -0.35 23.04
N GLU A 417 25.44 -1.59 22.54
CA GLU A 417 26.68 -2.23 22.08
C GLU A 417 27.36 -1.44 20.95
N LEU A 418 26.59 -0.96 19.96
CA LEU A 418 27.09 -0.18 18.82
C LEU A 418 27.32 1.30 19.17
N ALA A 419 26.73 1.76 20.30
CA ALA A 419 26.85 3.16 20.80
C ALA A 419 28.20 3.38 21.48
N GLN A 420 28.69 2.36 22.22
CA GLN A 420 29.97 2.33 22.94
C GLN A 420 31.16 2.50 21.98
N GLY A 465 12.69 26.28 -3.56
CA GLY A 465 11.34 26.39 -4.10
C GLY A 465 10.27 25.86 -3.18
N HIS A 466 9.13 26.60 -3.04
CA HIS A 466 7.99 26.25 -2.17
C HIS A 466 7.26 24.94 -2.57
N LEU A 467 6.95 24.09 -1.56
CA LEU A 467 6.28 22.78 -1.69
C LEU A 467 4.86 22.70 -1.16
N ARG A 468 3.98 22.13 -2.02
CA ARG A 468 2.59 21.83 -1.67
C ARG A 468 2.43 20.32 -1.83
N ILE A 469 2.38 19.62 -0.69
CA ILE A 469 2.32 18.16 -0.59
C ILE A 469 0.90 17.66 -0.76
N THR A 470 0.68 16.84 -1.79
CA THR A 470 -0.62 16.26 -2.14
C THR A 470 -0.59 14.77 -1.84
N THR A 471 -1.56 14.28 -1.08
CA THR A 471 -1.60 12.86 -0.76
C THR A 471 -2.87 12.25 -1.31
N GLY A 472 -2.77 11.01 -1.78
CA GLY A 472 -3.88 10.21 -2.26
C GLY A 472 -4.04 8.99 -1.38
N SER A 473 -3.84 7.81 -1.97
CA SER A 473 -3.95 6.51 -1.31
C SER A 473 -2.55 5.99 -0.92
N ALA A 474 -2.49 4.98 -0.07
CA ALA A 474 -1.22 4.32 0.29
C ALA A 474 -1.22 2.87 -0.30
N GLU A 475 -2.07 2.65 -1.31
CA GLU A 475 -2.29 1.39 -2.01
C GLU A 475 -0.99 0.90 -2.67
N PHE A 476 -0.22 1.82 -3.32
CA PHE A 476 1.03 1.50 -4.02
C PHE A 476 2.08 1.00 -3.03
N ALA A 477 2.02 1.51 -1.79
CA ALA A 477 3.02 1.22 -0.76
C ALA A 477 2.86 -0.14 -0.13
N ARG A 478 1.64 -0.66 -0.15
CA ARG A 478 1.36 -1.95 0.42
C ARG A 478 1.74 -2.97 -0.60
N LEU A 479 1.55 -2.61 -1.89
CA LEU A 479 1.90 -3.45 -3.03
C LEU A 479 3.42 -3.55 -3.12
N GLN A 480 4.13 -2.39 -2.92
CA GLN A 480 5.58 -2.32 -2.89
C GLN A 480 6.06 -3.29 -1.82
N PHE A 481 5.49 -3.18 -0.61
CA PHE A 481 5.80 -4.04 0.53
C PHE A 481 5.69 -5.53 0.20
N THR A 482 4.49 -5.97 -0.23
CA THR A 482 4.11 -7.37 -0.57
C THR A 482 5.11 -7.95 -1.58
N TYR A 483 5.21 -7.28 -2.74
CA TYR A 483 6.10 -7.65 -3.79
C TYR A 483 7.54 -7.81 -3.30
N ASP A 484 8.09 -6.79 -2.68
CA ASP A 484 9.46 -6.79 -2.18
C ASP A 484 9.72 -7.94 -1.18
N HIS A 485 8.83 -8.14 -0.19
CA HIS A 485 8.94 -9.22 0.79
C HIS A 485 9.06 -10.59 0.12
N ILE A 486 8.18 -10.91 -0.87
CA ILE A 486 8.22 -12.14 -1.68
C ILE A 486 9.47 -12.21 -2.57
N GLN A 487 9.70 -11.18 -3.42
CA GLN A 487 10.87 -11.11 -4.33
C GLN A 487 12.18 -11.41 -3.59
N ALA A 488 12.39 -10.81 -2.43
CA ALA A 488 13.63 -10.98 -1.70
C ALA A 488 13.81 -12.40 -1.22
N HIS A 489 12.69 -13.03 -0.75
CA HIS A 489 12.70 -14.39 -0.26
C HIS A 489 12.96 -15.40 -1.35
N VAL A 490 12.18 -15.35 -2.45
CA VAL A 490 12.36 -16.30 -3.52
C VAL A 490 13.72 -16.09 -4.18
N ASN A 491 14.22 -14.82 -4.23
CA ASN A 491 15.54 -14.56 -4.82
C ASN A 491 16.66 -15.18 -4.00
N ASP A 492 16.56 -15.03 -2.69
CA ASP A 492 17.47 -15.58 -1.70
C ASP A 492 17.48 -17.11 -1.82
N MET A 493 16.28 -17.74 -1.79
CA MET A 493 16.12 -19.19 -1.86
C MET A 493 16.61 -19.83 -3.16
N LEU A 494 16.34 -19.21 -4.34
CA LEU A 494 16.84 -19.75 -5.63
C LEU A 494 18.34 -19.58 -5.72
N GLY A 495 18.86 -18.51 -5.14
CA GLY A 495 20.29 -18.26 -5.05
C GLY A 495 20.89 -19.47 -4.37
N ARG A 496 20.35 -19.81 -3.22
CA ARG A 496 20.74 -20.95 -2.40
C ARG A 496 20.68 -22.28 -3.17
N ILE A 497 19.63 -22.49 -4.02
CA ILE A 497 19.52 -23.70 -4.83
C ILE A 497 20.61 -23.73 -5.87
N ALA A 498 20.79 -22.60 -6.60
CA ALA A 498 21.82 -22.41 -7.65
C ALA A 498 23.21 -22.77 -7.15
N THR A 499 23.62 -22.25 -5.97
CA THR A 499 24.92 -22.52 -5.37
C THR A 499 25.10 -24.00 -5.03
N ALA A 500 24.10 -24.63 -4.41
CA ALA A 500 24.11 -26.02 -4.00
C ALA A 500 24.14 -26.94 -5.21
N TRP A 501 23.41 -26.57 -6.28
CA TRP A 501 23.45 -27.30 -7.53
C TRP A 501 24.87 -27.31 -8.09
N CYS A 502 25.54 -26.17 -8.06
CA CYS A 502 26.92 -26.04 -8.53
C CYS A 502 27.85 -26.87 -7.63
N GLU A 503 27.74 -26.63 -6.31
CA GLU A 503 28.53 -27.33 -5.29
C GLU A 503 28.41 -28.83 -5.36
N LEU A 504 27.17 -29.37 -5.54
CA LEU A 504 26.87 -30.80 -5.65
C LEU A 504 27.53 -31.41 -6.85
N GLN A 505 27.43 -30.75 -8.00
CA GLN A 505 28.01 -31.25 -9.23
C GLN A 505 29.51 -31.29 -9.17
N ASN A 506 30.11 -30.24 -8.54
CA ASN A 506 31.55 -30.06 -8.28
C ASN A 506 32.06 -31.24 -7.44
N LYS A 507 31.33 -31.61 -6.36
CA LYS A 507 31.68 -32.73 -5.49
C LYS A 507 31.58 -34.01 -6.28
N ASP A 508 30.40 -34.25 -6.90
CA ASP A 508 30.11 -35.44 -7.67
C ASP A 508 31.09 -35.67 -8.85
N ARG A 509 31.99 -34.68 -9.17
CA ARG A 509 33.06 -34.90 -10.19
C ARG A 509 34.07 -35.97 -9.75
N THR A 510 34.21 -36.19 -8.42
CA THR A 510 35.13 -37.20 -7.86
C THR A 510 34.70 -38.59 -8.32
N LEU A 511 33.36 -38.82 -8.38
CA LEU A 511 32.75 -40.06 -8.83
C LEU A 511 32.93 -40.27 -10.31
N TRP A 512 32.79 -39.21 -11.11
CA TRP A 512 32.95 -39.28 -12.57
C TRP A 512 34.34 -39.51 -13.05
N SER A 513 35.37 -38.86 -12.40
CA SER A 513 36.81 -39.05 -12.68
C SER A 513 37.17 -40.47 -12.38
N GLU A 514 36.77 -40.96 -11.19
CA GLU A 514 37.01 -42.33 -10.81
C GLU A 514 36.46 -43.28 -11.85
N MET A 515 35.21 -43.07 -12.35
CA MET A 515 34.67 -43.93 -13.38
C MET A 515 35.38 -43.81 -14.69
N SER A 516 35.80 -42.61 -15.06
CA SER A 516 36.55 -42.36 -16.30
C SER A 516 37.85 -43.17 -16.39
N ARG A 517 38.45 -43.59 -15.27
CA ARG A 517 39.67 -44.42 -15.29
C ARG A 517 39.35 -45.87 -15.71
N LEU A 518 38.22 -46.37 -15.18
CA LEU A 518 37.68 -47.72 -15.33
C LEU A 518 36.85 -47.95 -16.61
N ASN A 519 35.90 -47.05 -16.88
CA ASN A 519 35.03 -47.10 -18.01
C ASN A 519 34.97 -45.73 -18.67
N PRO A 520 36.06 -45.30 -19.37
CA PRO A 520 36.00 -43.99 -20.06
C PRO A 520 34.90 -43.89 -21.12
N SER A 521 34.44 -45.01 -21.70
CA SER A 521 33.42 -44.99 -22.75
C SER A 521 32.04 -44.61 -22.22
N ALA A 522 31.59 -45.28 -21.11
CA ALA A 522 30.27 -45.01 -20.53
C ALA A 522 30.18 -43.55 -19.94
N VAL A 523 31.31 -43.03 -19.43
CA VAL A 523 31.42 -41.67 -18.97
C VAL A 523 31.28 -40.71 -20.17
N ALA A 524 32.08 -40.93 -21.24
CA ALA A 524 32.04 -40.07 -22.44
C ALA A 524 30.72 -40.11 -23.20
N THR A 525 30.01 -41.26 -23.15
CA THR A 525 28.69 -41.44 -23.79
C THR A 525 27.64 -40.61 -23.02
N ALA A 526 27.72 -40.64 -21.66
CA ALA A 526 26.85 -39.87 -20.79
C ALA A 526 27.12 -38.40 -21.11
N ALA A 527 28.38 -37.93 -20.95
CA ALA A 527 28.84 -36.56 -21.27
C ALA A 527 28.44 -36.11 -22.68
N LEU A 528 28.88 -36.80 -23.74
CA LEU A 528 28.54 -36.38 -25.12
C LEU A 528 27.07 -36.54 -25.54
N GLY A 529 26.33 -37.38 -24.83
CA GLY A 529 24.94 -37.67 -25.10
C GLY A 529 24.75 -38.45 -26.39
N GLN A 530 25.80 -39.16 -26.81
CA GLN A 530 25.85 -40.01 -28.00
C GLN A 530 26.84 -41.14 -27.76
N ARG A 531 26.56 -42.29 -28.38
CA ARG A 531 27.35 -43.51 -28.21
C ARG A 531 28.78 -43.37 -28.77
N VAL A 532 29.74 -43.38 -27.83
CA VAL A 532 31.16 -43.26 -28.12
C VAL A 532 31.94 -44.34 -27.39
N SER A 533 33.09 -44.67 -27.96
CA SER A 533 34.12 -45.59 -27.51
C SER A 533 35.26 -44.65 -26.97
N ALA A 534 35.90 -45.04 -25.86
CA ALA A 534 36.97 -44.23 -25.27
C ALA A 534 38.06 -45.06 -24.64
N ARG A 535 39.28 -44.54 -24.69
CA ARG A 535 40.48 -45.19 -24.14
C ARG A 535 41.28 -44.18 -23.34
N MET A 536 41.77 -44.58 -22.18
CA MET A 536 42.61 -43.68 -21.38
C MET A 536 44.04 -43.77 -21.92
N LEU A 537 44.59 -42.63 -22.36
CA LEU A 537 45.98 -42.48 -22.83
C LEU A 537 46.72 -41.81 -21.70
N GLY A 538 46.72 -42.48 -20.55
CA GLY A 538 47.33 -41.95 -19.33
C GLY A 538 46.36 -41.16 -18.45
N ASP A 539 46.28 -39.84 -18.68
CA ASP A 539 45.46 -38.96 -17.85
C ASP A 539 44.43 -38.21 -18.70
N VAL A 540 44.25 -38.68 -19.93
CA VAL A 540 43.39 -38.10 -20.96
C VAL A 540 42.71 -39.22 -21.76
N MET A 541 41.48 -39.00 -22.24
CA MET A 541 40.74 -40.00 -23.01
C MET A 541 40.80 -39.75 -24.50
N ALA A 542 41.03 -40.82 -25.27
CA ALA A 542 40.95 -40.86 -26.73
C ALA A 542 39.48 -41.25 -27.06
N ILE A 543 38.82 -40.49 -27.94
CA ILE A 543 37.42 -40.68 -28.32
C ILE A 543 37.28 -41.08 -29.77
N SER A 544 36.40 -42.03 -29.98
CA SER A 544 35.93 -42.54 -31.26
C SER A 544 34.44 -42.68 -31.12
N ARG A 545 33.68 -42.29 -32.14
CA ARG A 545 32.24 -42.36 -32.19
C ARG A 545 31.81 -43.76 -32.55
N CYS A 546 30.64 -44.17 -32.09
CA CYS A 546 30.09 -45.47 -32.44
C CYS A 546 29.06 -45.32 -33.52
N VAL A 547 29.09 -46.26 -34.47
CA VAL A 547 28.24 -46.27 -35.66
C VAL A 547 27.14 -47.35 -35.55
N GLU A 548 25.94 -47.05 -36.07
CA GLU A 548 24.81 -47.97 -36.09
C GLU A 548 25.05 -49.16 -37.06
N VAL A 549 24.61 -50.38 -36.66
CA VAL A 549 24.66 -51.64 -37.43
C VAL A 549 23.27 -51.76 -38.01
N ARG A 550 23.17 -51.53 -39.33
CA ARG A 550 21.91 -51.53 -40.07
C ARG A 550 21.58 -52.92 -40.64
N GLY A 551 22.61 -53.65 -41.07
CA GLY A 551 22.42 -55.01 -41.59
C GLY A 551 22.08 -56.02 -40.49
N GLY A 552 20.90 -56.66 -40.64
CA GLY A 552 20.37 -57.68 -39.73
C GLY A 552 21.38 -58.53 -38.99
N VAL A 553 21.23 -58.61 -37.63
CA VAL A 553 22.10 -59.31 -36.67
C VAL A 553 21.48 -60.64 -36.23
N TYR A 554 22.33 -61.68 -36.04
CA TYR A 554 21.95 -63.04 -35.66
C TYR A 554 22.77 -63.56 -34.51
N VAL A 555 22.10 -64.09 -33.46
CA VAL A 555 22.73 -64.68 -32.27
C VAL A 555 22.97 -66.18 -32.45
N GLN A 556 24.17 -66.64 -32.07
CA GLN A 556 24.55 -68.05 -32.15
C GLN A 556 24.12 -68.84 -30.90
N ASN A 557 23.35 -69.91 -31.16
CA ASN A 557 22.79 -70.87 -30.20
C ASN A 557 23.77 -71.41 -29.15
N SER A 558 25.07 -71.54 -29.44
CA SER A 558 26.04 -72.03 -28.45
C SER A 558 27.08 -70.99 -28.01
N MET A 559 27.55 -71.12 -26.75
CA MET A 559 28.55 -70.29 -26.08
C MET A 559 29.78 -71.12 -25.67
N ARG A 560 30.07 -72.18 -26.46
CA ARG A 560 31.21 -73.06 -26.21
C ARG A 560 32.33 -72.75 -27.19
N VAL A 561 33.58 -72.74 -26.71
CA VAL A 561 34.75 -72.47 -27.56
C VAL A 561 34.96 -73.68 -28.53
N PRO A 562 34.70 -73.54 -29.86
CA PRO A 562 34.92 -74.68 -30.76
C PRO A 562 36.40 -75.06 -30.86
N GLY A 563 36.71 -76.23 -30.31
CA GLY A 563 38.05 -76.78 -30.25
C GLY A 563 38.61 -76.88 -28.84
N GLU A 564 37.85 -76.38 -27.84
CA GLU A 564 38.27 -76.37 -26.45
C GLU A 564 37.14 -76.69 -25.48
N ARG A 565 37.32 -77.76 -24.69
CA ARG A 565 36.36 -78.13 -23.66
C ARG A 565 36.87 -77.49 -22.37
N GLY A 566 35.94 -77.05 -21.52
CA GLY A 566 36.29 -76.38 -20.27
C GLY A 566 36.32 -74.86 -20.35
N THR A 567 36.52 -74.30 -21.58
CA THR A 567 36.50 -72.85 -21.83
C THR A 567 35.31 -72.49 -22.71
N CYS A 568 34.56 -71.48 -22.26
CA CYS A 568 33.34 -70.98 -22.88
C CYS A 568 33.47 -69.47 -23.12
N TYR A 569 32.59 -68.89 -23.96
CA TYR A 569 32.51 -67.45 -24.19
C TYR A 569 31.57 -66.92 -23.10
N SER A 570 31.95 -65.82 -22.43
CA SER A 570 31.18 -65.20 -21.35
C SER A 570 29.84 -64.57 -21.80
N ARG A 571 29.81 -64.01 -23.03
CA ARG A 571 28.66 -63.34 -23.66
C ARG A 571 28.38 -64.03 -25.01
N PRO A 572 27.12 -64.03 -25.52
CA PRO A 572 26.83 -64.73 -26.78
C PRO A 572 27.54 -64.25 -28.02
N LEU A 573 27.62 -65.16 -29.01
CA LEU A 573 28.22 -64.87 -30.30
C LEU A 573 27.16 -64.36 -31.23
N VAL A 574 27.55 -63.40 -32.10
CA VAL A 574 26.71 -62.76 -33.12
C VAL A 574 27.40 -62.78 -34.52
N THR A 575 26.59 -62.55 -35.57
CA THR A 575 27.01 -62.40 -36.96
C THR A 575 26.34 -61.11 -37.48
N PHE A 576 27.11 -60.22 -38.15
CA PHE A 576 26.58 -58.94 -38.63
C PHE A 576 27.41 -58.36 -39.77
N GLU A 577 26.85 -57.31 -40.39
CA GLU A 577 27.34 -56.54 -41.53
C GLU A 577 27.75 -55.11 -41.13
N HIS A 578 29.05 -54.80 -41.20
CA HIS A 578 29.58 -53.47 -40.93
C HIS A 578 30.71 -53.12 -41.91
N ASN A 579 30.58 -51.92 -42.53
CA ASN A 579 31.49 -51.34 -43.53
C ASN A 579 31.46 -52.23 -44.80
N GLY A 580 32.61 -52.71 -45.24
CA GLY A 580 32.73 -53.53 -46.44
C GLY A 580 32.44 -54.99 -46.20
N THR A 581 33.18 -55.62 -45.25
CA THR A 581 33.07 -57.03 -44.87
C THR A 581 31.61 -57.41 -44.50
N GLY A 582 30.98 -58.17 -45.40
CA GLY A 582 29.60 -58.63 -45.31
C GLY A 582 29.25 -59.47 -44.09
N VAL A 583 30.23 -60.23 -43.56
CA VAL A 583 30.04 -61.07 -42.37
C VAL A 583 31.16 -60.85 -41.39
N ILE A 584 30.78 -60.61 -40.12
CA ILE A 584 31.71 -60.41 -39.01
C ILE A 584 31.43 -61.47 -37.96
N GLU A 585 32.47 -62.20 -37.56
CA GLU A 585 32.38 -63.21 -36.49
C GLU A 585 32.55 -62.43 -35.16
N GLY A 586 31.43 -61.87 -34.69
CA GLY A 586 31.39 -61.02 -33.50
C GLY A 586 30.75 -61.56 -32.23
N GLN A 587 30.76 -60.71 -31.18
CA GLN A 587 30.23 -61.00 -29.84
C GLN A 587 29.26 -59.92 -29.33
N LEU A 588 28.24 -60.34 -28.55
CA LEU A 588 27.27 -59.42 -27.98
C LEU A 588 27.87 -58.72 -26.76
N GLY A 589 28.20 -57.45 -26.93
CA GLY A 589 28.78 -56.63 -25.88
C GLY A 589 27.72 -56.04 -24.97
N ASP A 590 28.08 -54.97 -24.29
CA ASP A 590 27.18 -54.30 -23.36
C ASP A 590 26.26 -53.30 -24.04
N ASP A 591 25.03 -53.19 -23.54
CA ASP A 591 24.02 -52.21 -23.99
C ASP A 591 24.01 -52.05 -25.54
N ASN A 592 23.81 -53.20 -26.20
CA ASN A 592 23.65 -53.40 -27.64
C ASN A 592 24.86 -53.05 -28.48
N GLU A 593 26.06 -53.09 -27.88
CA GLU A 593 27.30 -52.91 -28.63
C GLU A 593 27.63 -54.30 -29.17
N LEU A 594 27.98 -54.38 -30.46
CA LEU A 594 28.37 -55.64 -31.09
C LEU A 594 29.89 -55.52 -31.24
N LEU A 595 30.60 -56.55 -30.80
CA LEU A 595 32.05 -56.57 -30.82
C LEU A 595 32.63 -57.17 -32.09
N ILE A 596 33.55 -56.41 -32.72
CA ILE A 596 34.30 -56.72 -33.96
C ILE A 596 34.91 -58.14 -33.84
N SER A 597 35.41 -58.51 -32.64
CA SER A 597 36.05 -59.80 -32.34
C SER A 597 35.19 -60.76 -31.45
N ARG A 598 35.84 -61.81 -30.87
CA ARG A 598 35.25 -62.86 -30.02
C ARG A 598 36.25 -63.29 -28.91
N ASP A 599 36.74 -62.30 -28.12
CA ASP A 599 37.76 -62.50 -27.09
C ASP A 599 37.25 -62.54 -25.63
N LEU A 600 35.93 -62.40 -25.43
CA LEU A 600 35.37 -62.47 -24.07
C LEU A 600 35.19 -63.92 -23.70
N ILE A 601 36.02 -64.40 -22.74
CA ILE A 601 36.05 -65.81 -22.35
C ILE A 601 35.93 -66.05 -20.84
N GLU A 602 35.48 -67.27 -20.47
CA GLU A 602 35.32 -67.73 -19.09
C GLU A 602 35.38 -69.25 -18.99
N PRO A 603 36.02 -69.84 -17.94
CA PRO A 603 35.96 -71.29 -17.77
C PRO A 603 34.51 -71.68 -17.50
N CYS A 604 33.98 -72.67 -18.25
CA CYS A 604 32.58 -73.13 -18.15
C CYS A 604 32.20 -73.51 -16.75
N THR A 605 30.98 -73.14 -16.33
CA THR A 605 30.45 -73.40 -14.99
C THR A 605 29.15 -74.20 -15.06
N GLY A 606 28.91 -74.98 -14.01
CA GLY A 606 27.70 -75.77 -13.84
C GLY A 606 26.58 -74.86 -13.42
N ASN A 607 25.35 -75.17 -13.86
CA ASN A 607 24.16 -74.36 -13.60
C ASN A 607 24.43 -72.88 -14.02
N HIS A 608 24.50 -72.68 -15.34
CA HIS A 608 24.79 -71.42 -15.99
C HIS A 608 23.48 -70.82 -16.50
N ARG A 609 23.08 -69.69 -15.91
CA ARG A 609 21.87 -68.98 -16.30
C ARG A 609 22.26 -67.55 -16.63
N ARG A 610 21.79 -67.07 -17.80
CA ARG A 610 22.12 -65.75 -18.28
C ARG A 610 21.02 -65.07 -19.05
N TYR A 611 20.88 -63.77 -18.79
CA TYR A 611 20.00 -62.84 -19.46
C TYR A 611 20.93 -61.81 -20.08
N PHE A 612 20.94 -61.70 -21.42
CA PHE A 612 21.75 -60.70 -22.13
C PHE A 612 20.85 -59.72 -22.88
N LYS A 613 21.12 -58.40 -22.77
CA LYS A 613 20.34 -57.38 -23.51
C LYS A 613 20.57 -57.52 -25.00
N LEU A 614 19.46 -57.60 -25.75
CA LEU A 614 19.48 -57.74 -27.19
C LEU A 614 18.31 -56.96 -27.75
N GLY A 615 18.59 -55.74 -28.19
CA GLY A 615 17.62 -54.83 -28.75
C GLY A 615 16.70 -54.32 -27.67
N SER A 616 15.40 -54.30 -27.95
CA SER A 616 14.36 -53.85 -27.04
C SER A 616 14.22 -54.76 -25.81
N GLY A 617 14.68 -56.03 -25.93
CA GLY A 617 14.57 -57.03 -24.87
C GLY A 617 15.81 -57.81 -24.52
N TYR A 618 15.59 -59.07 -24.07
CA TYR A 618 16.64 -59.97 -23.58
C TYR A 618 16.67 -61.36 -24.26
N VAL A 619 17.84 -61.97 -24.25
CA VAL A 619 18.03 -63.31 -24.75
C VAL A 619 18.41 -64.19 -23.55
N TYR A 620 17.67 -65.28 -23.36
CA TYR A 620 17.93 -66.20 -22.26
C TYR A 620 18.81 -67.39 -22.68
N TYR A 621 19.90 -67.59 -21.95
CA TYR A 621 20.87 -68.66 -22.19
C TYR A 621 20.99 -69.58 -20.98
N GLU A 622 20.90 -70.90 -21.21
CA GLU A 622 21.04 -71.91 -20.16
C GLU A 622 22.08 -72.93 -20.55
N ASP A 623 23.08 -73.06 -19.66
CA ASP A 623 24.25 -73.94 -19.78
C ASP A 623 24.90 -73.78 -21.17
N TYR A 624 25.28 -72.53 -21.46
CA TYR A 624 25.98 -72.05 -22.66
C TYR A 624 25.20 -72.30 -23.97
N SER A 625 23.87 -72.43 -23.86
CA SER A 625 23.00 -72.63 -25.00
C SER A 625 21.74 -71.78 -24.96
N TYR A 626 21.42 -71.19 -26.13
CA TYR A 626 20.24 -70.38 -26.38
C TYR A 626 18.99 -71.15 -25.93
N VAL A 627 18.00 -70.43 -25.40
CA VAL A 627 16.75 -71.01 -24.93
C VAL A 627 15.54 -70.31 -25.55
N ARG A 628 15.41 -69.01 -25.23
CA ARG A 628 14.25 -68.18 -25.50
C ARG A 628 14.65 -66.73 -25.55
N MET A 629 13.71 -65.89 -26.00
CA MET A 629 13.77 -64.44 -26.03
C MET A 629 12.83 -64.01 -24.91
N VAL A 630 13.39 -63.73 -23.73
CA VAL A 630 12.65 -63.32 -22.55
C VAL A 630 12.53 -61.82 -22.43
N GLU A 631 11.63 -61.41 -21.55
CA GLU A 631 11.44 -60.03 -21.16
C GLU A 631 11.73 -59.93 -19.65
N VAL A 632 12.36 -58.82 -19.21
CA VAL A 632 12.67 -58.55 -17.80
C VAL A 632 11.78 -57.37 -17.37
N PRO A 633 10.50 -57.62 -16.99
CA PRO A 633 9.61 -56.49 -16.70
C PRO A 633 9.81 -55.83 -15.34
N GLU A 634 10.70 -56.37 -14.50
CA GLU A 634 10.86 -55.85 -13.16
C GLU A 634 12.03 -54.96 -13.09
N THR A 635 11.83 -53.83 -12.45
CA THR A 635 12.89 -52.84 -12.34
C THR A 635 13.16 -52.43 -10.91
N ILE A 636 14.35 -51.87 -10.75
CA ILE A 636 14.88 -51.31 -9.54
C ILE A 636 15.30 -49.84 -9.89
N SER A 637 14.91 -48.87 -9.06
CA SER A 637 15.19 -47.45 -9.27
C SER A 637 15.89 -46.80 -8.06
N THR A 638 16.94 -46.02 -8.30
CA THR A 638 17.67 -45.26 -7.26
C THR A 638 17.28 -43.76 -7.38
N ARG A 639 16.21 -43.46 -8.14
CA ARG A 639 15.73 -42.09 -8.37
C ARG A 639 15.01 -41.56 -7.18
N VAL A 640 15.04 -40.23 -7.03
CA VAL A 640 14.34 -39.50 -5.98
C VAL A 640 13.23 -38.66 -6.65
N THR A 641 12.01 -38.88 -6.23
CA THR A 641 10.88 -38.17 -6.79
C THR A 641 10.84 -36.69 -6.36
N LEU A 642 10.63 -35.79 -7.32
CA LEU A 642 10.46 -34.38 -7.00
C LEU A 642 9.24 -33.94 -7.76
N ASN A 643 8.10 -33.81 -7.04
CA ASN A 643 6.83 -33.42 -7.64
C ASN A 643 6.57 -31.98 -7.43
N LEU A 644 7.00 -31.12 -8.37
CA LEU A 644 6.70 -29.68 -8.23
C LEU A 644 5.46 -29.34 -9.05
N THR A 645 4.40 -28.82 -8.42
CA THR A 645 3.18 -28.41 -9.13
C THR A 645 3.18 -26.89 -9.40
N LEU A 646 2.42 -26.47 -10.40
CA LEU A 646 2.38 -25.06 -10.74
C LEU A 646 1.46 -24.24 -9.85
N LEU A 647 1.82 -22.97 -9.69
CA LEU A 647 1.03 -21.98 -9.01
C LEU A 647 -0.03 -21.60 -10.02
N GLU A 648 -1.30 -21.92 -9.64
CA GLU A 648 -2.54 -21.74 -10.38
C GLU A 648 -2.85 -20.31 -10.73
N ASP A 649 -3.65 -20.11 -11.79
CA ASP A 649 -4.12 -18.80 -12.22
C ASP A 649 -5.12 -18.34 -11.20
N ARG A 650 -5.15 -17.04 -10.95
CA ARG A 650 -6.10 -16.47 -10.02
C ARG A 650 -6.75 -15.29 -10.70
N GLU A 651 -8.07 -15.14 -10.57
CA GLU A 651 -8.72 -13.97 -11.18
C GLU A 651 -9.10 -13.01 -10.07
N PHE A 652 -8.58 -11.79 -10.18
CA PHE A 652 -8.88 -10.73 -9.21
C PHE A 652 -9.96 -9.89 -9.87
N LEU A 653 -11.18 -10.06 -9.41
CA LEU A 653 -12.30 -9.33 -9.96
C LEU A 653 -12.48 -8.03 -9.23
N PRO A 654 -13.03 -6.99 -9.90
CA PRO A 654 -13.25 -5.73 -9.19
C PRO A 654 -14.02 -5.95 -7.90
N LEU A 655 -13.54 -5.38 -6.78
CA LEU A 655 -14.19 -5.52 -5.49
C LEU A 655 -14.27 -4.19 -4.75
N GLU A 656 -15.48 -3.75 -4.39
CA GLU A 656 -15.67 -2.53 -3.61
C GLU A 656 -16.66 -2.72 -2.48
N VAL A 657 -16.27 -2.30 -1.24
CA VAL A 657 -17.13 -2.34 -0.05
C VAL A 657 -18.29 -1.36 -0.32
N TYR A 658 -17.96 -0.07 -0.54
CA TYR A 658 -18.97 0.93 -0.88
C TYR A 658 -18.64 1.58 -2.20
N THR A 659 -19.67 1.76 -3.06
CA THR A 659 -19.50 2.44 -4.35
C THR A 659 -19.47 3.97 -4.20
N ARG A 660 -19.20 4.67 -5.31
CA ARG A 660 -19.23 6.11 -5.39
C ARG A 660 -20.66 6.59 -5.07
N GLU A 661 -21.65 5.87 -5.61
CA GLU A 661 -23.05 6.17 -5.38
C GLU A 661 -23.41 6.06 -3.89
N GLU A 662 -23.05 4.91 -3.26
CA GLU A 662 -23.33 4.60 -1.85
C GLU A 662 -22.73 5.66 -0.90
N LEU A 663 -21.49 6.12 -1.22
CA LEU A 663 -20.72 7.09 -0.45
C LEU A 663 -21.26 8.52 -0.55
N ALA A 664 -22.01 8.82 -1.64
CA ALA A 664 -22.63 10.14 -1.90
C ALA A 664 -24.07 10.20 -1.37
N ASP A 665 -24.59 9.04 -0.98
CA ASP A 665 -25.95 8.91 -0.49
C ASP A 665 -26.11 8.80 1.05
N THR A 666 -25.05 9.12 1.82
CA THR A 666 -25.10 8.96 3.28
C THR A 666 -25.78 10.11 4.06
N GLY A 667 -25.93 11.26 3.42
CA GLY A 667 -26.45 12.47 4.01
C GLY A 667 -27.94 12.59 4.16
N LEU A 668 -28.37 13.37 5.17
CA LEU A 668 -29.79 13.60 5.41
C LEU A 668 -30.43 14.42 4.27
N LEU A 669 -29.69 15.40 3.73
CA LEU A 669 -30.15 16.21 2.63
C LEU A 669 -29.06 16.27 1.60
N ASP A 670 -29.44 16.52 0.35
CA ASP A 670 -28.52 16.74 -0.77
C ASP A 670 -28.92 18.07 -1.37
N TYR A 671 -28.05 19.06 -1.29
CA TYR A 671 -28.33 20.43 -1.76
C TYR A 671 -28.87 20.45 -3.16
N SER A 672 -28.15 19.86 -4.12
CA SER A 672 -28.52 19.80 -5.54
C SER A 672 -29.90 19.16 -5.79
N GLU A 673 -30.23 18.07 -5.06
CA GLU A 673 -31.49 17.35 -5.19
C GLU A 673 -32.67 18.19 -4.72
N ILE A 674 -32.48 18.91 -3.59
CA ILE A 674 -33.47 19.77 -2.96
C ILE A 674 -33.75 20.94 -3.90
N GLN A 675 -32.67 21.61 -4.37
CA GLN A 675 -32.75 22.75 -5.27
C GLN A 675 -33.47 22.37 -6.56
N ARG A 676 -33.13 21.21 -7.16
CA ARG A 676 -33.78 20.72 -8.37
C ARG A 676 -35.27 20.76 -8.21
N ARG A 677 -35.81 20.09 -7.17
CA ARG A 677 -37.24 20.02 -6.85
C ARG A 677 -37.82 21.41 -6.52
N ASN A 678 -37.18 22.12 -5.58
CA ASN A 678 -37.64 23.41 -5.09
C ASN A 678 -37.80 24.47 -6.17
N GLN A 679 -36.81 24.61 -7.05
CA GLN A 679 -36.85 25.62 -8.11
C GLN A 679 -37.90 25.35 -9.22
N LEU A 680 -38.57 24.18 -9.13
CA LEU A 680 -39.63 23.80 -10.06
C LEU A 680 -40.95 24.22 -9.49
N HIS A 681 -41.03 24.47 -8.19
CA HIS A 681 -42.29 24.75 -7.50
C HIS A 681 -43.23 25.74 -8.24
N ALA A 682 -42.68 26.88 -8.74
CA ALA A 682 -43.45 27.89 -9.47
C ALA A 682 -44.02 27.36 -10.79
N LEU A 683 -43.21 26.60 -11.53
CA LEU A 683 -43.64 26.00 -12.78
C LEU A 683 -44.60 24.82 -12.51
N LYS A 684 -44.39 24.09 -11.40
CA LYS A 684 -45.17 22.92 -11.03
C LYS A 684 -46.59 23.27 -10.56
N PHE A 685 -46.72 24.25 -9.64
CA PHE A 685 -48.04 24.57 -9.08
C PHE A 685 -48.70 25.91 -9.55
N TYR A 686 -48.15 26.56 -10.60
CA TYR A 686 -48.68 27.81 -11.15
C TYR A 686 -48.50 27.93 -12.66
N ASP A 687 -49.29 28.84 -13.28
CA ASP A 687 -49.12 29.14 -14.69
C ASP A 687 -48.41 30.49 -14.69
N ILE A 688 -47.10 30.48 -14.88
CA ILE A 688 -46.32 31.71 -14.82
C ILE A 688 -46.31 32.44 -16.19
N ASP A 689 -46.62 31.68 -17.24
CA ASP A 689 -46.61 32.13 -18.64
C ASP A 689 -47.86 32.92 -19.10
N ARG A 690 -49.00 32.79 -18.42
CA ARG A 690 -50.25 33.48 -18.75
C ARG A 690 -50.13 34.95 -18.39
N VAL A 691 -50.74 35.83 -19.20
CA VAL A 691 -50.76 37.27 -18.92
C VAL A 691 -52.17 37.79 -19.09
N VAL A 692 -52.62 38.60 -18.11
CA VAL A 692 -53.94 39.25 -18.07
C VAL A 692 -53.90 40.46 -19.03
N LYS A 693 -54.92 40.57 -19.93
CA LYS A 693 -55.06 41.70 -20.87
C LYS A 693 -56.03 42.76 -20.30
#